data_3GRT
#
_entry.id   3GRT
#
_cell.length_a   119.660
_cell.length_b   84.690
_cell.length_c   63.670
_cell.angle_alpha   90.00
_cell.angle_beta   90.00
_cell.angle_gamma   58.68
#
_symmetry.space_group_name_H-M   'B 1 1 2'
#
loop_
_entity.id
_entity.type
_entity.pdbx_description
1 polymer 'GLUTATHIONE REDUCTASE'
2 non-polymer 'FLAVIN-ADENINE DINUCLEOTIDE'
3 non-polymer '2-AMINO-4-[4-(4-AMINO-4-CARBOXY-BUTYRYLAMINO)-5,8,19,22-TETRAOXO-1,2-DITHIA-6,9,13,18,21-PENTAAZA-CYCLOTETRACOS-23-YLCARBAMOYL]-BUTYRIC ACID'
4 water water
#
_entity_poly.entity_id   1
_entity_poly.type   'polypeptide(L)'
_entity_poly.pdbx_seq_one_letter_code
;VASYDYLVIGGGSGGLESAWRAAELGARAAVVESHKLGGTCVNVGCVPKKVMWNTAVHSEFMHDHADYGFPSCEGKFNWR
VIKEKRDAYVSRLNAIYQNNLTKSHIEIIRGHAAFTSDPKPTIEVSGKKYTAPHILIATGGMPSTPHESQIPGASLGITS
DGFFQLEELPGRSVIVGAGYIAVEMAGILSALGSKTSLMIRHDKVLRSFDSMISTNCTEELENAGVEVLKFSQVKEVKKT
LSGLEVSMVTAVPGRLPVMTMIPDVDCLLWAIGRVPNTKDLSLNKLGIQTDDKGHIIVDEFQNTNVKGIYAVGDVCGKAL
LTPVAIAAGRKLAHRLFEYKEDSKLDYNNIPTVVFSHPPIGTVGLTEDEAIHKYGIENVKTYSTSFTPMYHAVTKRKTKC
VMKMVCANKEEKVVGIHMQGLGCDEMLQGFAVAVKMGATKADFDNTVAIHPTSSEELVTLR
;
_entity_poly.pdbx_strand_id   A
#
loop_
_chem_comp.id
_chem_comp.type
_chem_comp.name
_chem_comp.formula
FAD non-polymer 'FLAVIN-ADENINE DINUCLEOTIDE' 'C27 H33 N9 O15 P2'
TS2 non-polymer '2-AMINO-4-[4-(4-AMINO-4-CARBOXY-BUTYRYLAMINO)-5,8,19,22-TETRAOXO-1,2-DITHIA-6,9,13,18,21-PENTAAZA-CYCLOTETRACOS-23-YLCARBAMOYL]-BUTYRIC ACID' 'C27 H47 N9 O10 S2'
#
# COMPACT_ATOMS: atom_id res chain seq x y z
N VAL A 1 -26.16 -25.98 12.44
CA VAL A 1 -25.59 -24.79 11.73
C VAL A 1 -26.26 -23.52 12.30
N ALA A 2 -25.45 -22.56 12.75
CA ALA A 2 -26.00 -21.31 13.28
C ALA A 2 -26.20 -20.36 12.11
N SER A 3 -27.36 -19.73 12.05
CA SER A 3 -27.61 -18.79 10.99
C SER A 3 -27.57 -17.34 11.46
N TYR A 4 -26.87 -16.51 10.70
CA TYR A 4 -26.78 -15.09 10.98
C TYR A 4 -27.32 -14.41 9.71
N ASP A 5 -27.20 -13.08 9.64
CA ASP A 5 -27.65 -12.29 8.49
C ASP A 5 -26.49 -12.00 7.60
N TYR A 6 -25.33 -11.93 8.22
CA TYR A 6 -24.10 -11.63 7.56
C TYR A 6 -23.06 -12.48 8.26
N LEU A 7 -22.19 -13.07 7.46
CA LEU A 7 -21.09 -13.92 7.90
C LEU A 7 -19.90 -13.40 7.09
N VAL A 8 -19.03 -12.61 7.72
CA VAL A 8 -17.85 -12.00 7.07
C VAL A 8 -16.59 -12.84 7.32
N ILE A 9 -15.96 -13.38 6.29
CA ILE A 9 -14.72 -14.15 6.52
C ILE A 9 -13.49 -13.23 6.46
N GLY A 10 -12.88 -12.94 7.60
CA GLY A 10 -11.72 -12.06 7.59
C GLY A 10 -11.95 -10.75 8.34
N GLY A 11 -11.23 -10.57 9.45
CA GLY A 11 -11.37 -9.37 10.24
C GLY A 11 -10.33 -8.28 9.98
N GLY A 12 -10.15 -7.91 8.72
CA GLY A 12 -9.20 -6.88 8.40
C GLY A 12 -9.95 -5.61 8.04
N SER A 13 -9.36 -4.81 7.16
CA SER A 13 -9.98 -3.55 6.75
C SER A 13 -11.40 -3.64 6.17
N GLY A 14 -11.57 -4.39 5.09
CA GLY A 14 -12.88 -4.52 4.48
C GLY A 14 -13.82 -5.36 5.29
N GLY A 15 -13.30 -6.44 5.84
CA GLY A 15 -14.14 -7.32 6.63
C GLY A 15 -14.89 -6.58 7.72
N LEU A 16 -14.15 -6.06 8.68
CA LEU A 16 -14.73 -5.32 9.78
C LEU A 16 -15.69 -4.20 9.35
N GLU A 17 -15.30 -3.28 8.48
CA GLU A 17 -16.19 -2.18 8.06
C GLU A 17 -17.55 -2.65 7.53
N SER A 18 -17.53 -3.74 6.77
CA SER A 18 -18.75 -4.27 6.21
C SER A 18 -19.62 -4.83 7.32
N ALA A 19 -19.00 -5.48 8.31
CA ALA A 19 -19.75 -6.07 9.43
C ALA A 19 -20.29 -5.00 10.36
N TRP A 20 -19.51 -3.96 10.59
CA TRP A 20 -19.90 -2.82 11.43
C TRP A 20 -21.13 -2.13 10.82
N ARG A 21 -21.04 -1.82 9.53
CA ARG A 21 -22.09 -1.18 8.80
C ARG A 21 -23.37 -1.99 8.83
N ALA A 22 -23.20 -3.30 8.69
CA ALA A 22 -24.32 -4.22 8.69
C ALA A 22 -25.03 -4.25 10.05
N ALA A 23 -24.28 -4.42 11.14
CA ALA A 23 -24.86 -4.49 12.47
C ALA A 23 -25.60 -3.18 12.86
N GLU A 24 -25.08 -2.07 12.34
CA GLU A 24 -25.65 -0.74 12.58
C GLU A 24 -26.93 -0.51 11.79
N LEU A 25 -27.18 -1.39 10.83
CA LEU A 25 -28.37 -1.34 10.01
C LEU A 25 -29.35 -2.38 10.50
N GLY A 26 -29.04 -3.01 11.63
CA GLY A 26 -29.95 -3.98 12.20
C GLY A 26 -29.60 -5.43 12.06
N ALA A 27 -28.73 -5.75 11.13
CA ALA A 27 -28.37 -7.13 10.91
C ALA A 27 -27.59 -7.75 12.05
N ARG A 28 -27.43 -9.07 11.99
CA ARG A 28 -26.67 -9.85 12.95
C ARG A 28 -25.53 -10.47 12.18
N ALA A 29 -24.33 -10.00 12.48
CA ALA A 29 -23.15 -10.48 11.81
C ALA A 29 -22.14 -11.09 12.77
N ALA A 30 -21.12 -11.73 12.19
CA ALA A 30 -20.07 -12.39 12.95
C ALA A 30 -18.80 -12.39 12.11
N VAL A 31 -17.76 -11.70 12.58
CA VAL A 31 -16.49 -11.65 11.86
C VAL A 31 -15.74 -12.94 12.19
N VAL A 32 -15.33 -13.68 11.18
CA VAL A 32 -14.55 -14.88 11.45
C VAL A 32 -13.08 -14.47 11.31
N GLU A 33 -12.37 -14.43 12.43
CA GLU A 33 -10.99 -14.04 12.35
C GLU A 33 -10.06 -15.15 12.80
N SER A 34 -9.15 -15.49 11.91
CA SER A 34 -8.19 -16.56 12.09
C SER A 34 -6.91 -16.23 12.87
N HIS A 35 -6.60 -14.94 13.01
CA HIS A 35 -5.40 -14.50 13.72
C HIS A 35 -5.73 -13.27 14.54
N LYS A 36 -5.08 -12.14 14.23
CA LYS A 36 -5.33 -10.91 14.97
C LYS A 36 -6.20 -9.97 14.16
N LEU A 37 -7.16 -9.37 14.84
CA LEU A 37 -8.09 -8.41 14.24
C LEU A 37 -7.36 -7.15 13.82
N GLY A 38 -7.85 -6.50 12.77
CA GLY A 38 -7.20 -5.30 12.28
C GLY A 38 -6.55 -5.61 10.94
N GLY A 39 -6.35 -6.91 10.70
CA GLY A 39 -5.79 -7.38 9.45
C GLY A 39 -4.35 -7.02 9.22
N THR A 40 -4.01 -6.88 7.95
CA THR A 40 -2.66 -6.55 7.51
C THR A 40 -2.27 -5.11 7.83
N CYS A 41 -3.19 -4.19 7.62
CA CYS A 41 -2.94 -2.79 7.89
C CYS A 41 -2.48 -2.48 9.33
N VAL A 42 -3.24 -2.92 10.33
CA VAL A 42 -2.90 -2.68 11.73
C VAL A 42 -1.68 -3.46 12.20
N ASN A 43 -1.63 -4.73 11.84
CA ASN A 43 -0.57 -5.58 12.31
C ASN A 43 0.76 -5.54 11.59
N VAL A 44 0.72 -5.43 10.27
CA VAL A 44 1.93 -5.42 9.45
C VAL A 44 1.82 -4.57 8.17
N GLY A 45 1.10 -3.45 8.24
CA GLY A 45 0.92 -2.61 7.09
C GLY A 45 1.00 -1.14 7.39
N CYS A 46 -0.12 -0.45 7.18
CA CYS A 46 -0.22 0.99 7.38
C CYS A 46 0.35 1.48 8.68
N VAL A 47 -0.18 0.96 9.80
CA VAL A 47 0.24 1.38 11.15
C VAL A 47 1.74 1.25 11.49
N PRO A 48 2.32 0.03 11.43
CA PRO A 48 3.75 -0.12 11.74
C PRO A 48 4.65 0.70 10.79
N LYS A 49 4.31 0.67 9.50
CA LYS A 49 5.06 1.40 8.49
C LYS A 49 5.16 2.89 8.85
N LYS A 50 4.00 3.54 9.02
CA LYS A 50 3.96 4.96 9.38
C LYS A 50 4.80 5.28 10.63
N VAL A 51 4.75 4.43 11.64
CA VAL A 51 5.55 4.69 12.83
C VAL A 51 7.03 4.73 12.47
N MET A 52 7.45 3.75 11.67
CA MET A 52 8.82 3.61 11.19
C MET A 52 9.15 4.75 10.23
N TRP A 53 8.18 5.19 9.46
CA TRP A 53 8.41 6.29 8.55
C TRP A 53 8.61 7.59 9.34
N ASN A 54 7.77 7.82 10.35
CA ASN A 54 7.88 9.02 11.18
C ASN A 54 9.29 9.10 11.78
N THR A 55 9.80 7.93 12.10
CA THR A 55 11.11 7.78 12.69
C THR A 55 12.16 8.12 11.67
N ALA A 56 11.97 7.63 10.45
CA ALA A 56 12.92 7.90 9.38
C ALA A 56 12.98 9.40 9.11
N VAL A 57 11.82 10.05 9.16
CA VAL A 57 11.70 11.49 8.92
C VAL A 57 12.43 12.28 9.99
N HIS A 58 12.59 11.65 11.13
CA HIS A 58 13.25 12.20 12.29
C HIS A 58 14.76 12.22 12.21
N SER A 59 15.34 11.19 11.61
CA SER A 59 16.79 11.14 11.44
C SER A 59 17.10 12.19 10.37
N GLU A 60 16.25 12.27 9.35
CA GLU A 60 16.40 13.23 8.25
C GLU A 60 16.58 14.65 8.76
N PHE A 61 15.55 15.14 9.44
CA PHE A 61 15.56 16.50 9.98
C PHE A 61 16.67 16.76 10.96
N MET A 62 17.18 15.70 11.57
CA MET A 62 18.30 15.80 12.50
C MET A 62 19.53 16.39 11.74
N HIS A 63 19.60 16.10 10.43
CA HIS A 63 20.67 16.58 9.55
C HIS A 63 20.65 18.08 9.29
N ASP A 64 19.46 18.69 9.39
CA ASP A 64 19.28 20.13 9.17
C ASP A 64 19.28 20.88 10.47
N HIS A 65 19.67 20.20 11.53
CA HIS A 65 19.68 20.82 12.84
C HIS A 65 20.65 21.97 12.94
N ALA A 66 21.91 21.68 12.65
CA ALA A 66 22.92 22.69 12.71
C ALA A 66 22.58 23.86 11.80
N ASP A 67 22.10 23.56 10.59
CA ASP A 67 21.70 24.59 9.62
C ASP A 67 20.64 25.54 10.14
N TYR A 68 19.90 25.10 11.14
CA TYR A 68 18.86 25.89 11.76
C TYR A 68 19.31 26.49 13.08
N GLY A 69 20.62 26.64 13.24
CA GLY A 69 21.15 27.24 14.44
C GLY A 69 21.32 26.39 15.69
N PHE A 70 21.13 25.08 15.57
CA PHE A 70 21.30 24.23 16.74
C PHE A 70 22.59 23.45 16.61
N PRO A 71 23.06 22.86 17.71
CA PRO A 71 24.28 22.08 17.62
C PRO A 71 23.85 20.77 17.01
N SER A 72 24.80 20.03 16.46
CA SER A 72 24.48 18.76 15.84
C SER A 72 24.30 17.69 16.93
N CYS A 73 23.78 16.54 16.51
CA CYS A 73 23.58 15.39 17.38
C CYS A 73 24.21 14.26 16.56
N GLU A 74 25.12 13.49 17.16
CA GLU A 74 25.77 12.38 16.42
C GLU A 74 24.73 11.42 15.83
N GLY A 75 23.82 10.94 16.68
CA GLY A 75 22.75 10.08 16.23
C GLY A 75 22.79 8.56 16.28
N LYS A 76 23.34 7.97 17.33
CA LYS A 76 23.33 6.49 17.42
C LYS A 76 21.86 6.11 17.65
N PHE A 77 21.16 5.76 16.58
CA PHE A 77 19.74 5.40 16.64
C PHE A 77 19.58 4.01 17.28
N ASN A 78 18.65 3.90 18.22
CA ASN A 78 18.45 2.62 18.85
C ASN A 78 17.19 1.99 18.29
N TRP A 79 17.38 0.94 17.51
CA TRP A 79 16.25 0.28 16.88
C TRP A 79 15.17 -0.23 17.82
N ARG A 80 15.57 -1.09 18.76
CA ARG A 80 14.64 -1.72 19.72
C ARG A 80 13.69 -0.85 20.51
N VAL A 81 14.13 0.36 20.85
CA VAL A 81 13.32 1.32 21.59
C VAL A 81 12.05 1.65 20.81
N ILE A 82 12.24 2.02 19.54
CA ILE A 82 11.11 2.36 18.70
C ILE A 82 10.40 1.09 18.26
N LYS A 83 11.09 -0.05 18.28
CA LYS A 83 10.42 -1.27 17.87
C LYS A 83 9.40 -1.65 18.89
N GLU A 84 9.83 -1.68 20.14
CA GLU A 84 8.98 -2.05 21.26
C GLU A 84 7.78 -1.15 21.44
N LYS A 85 7.96 0.11 21.07
CA LYS A 85 6.91 1.10 21.15
C LYS A 85 5.93 0.86 20.06
N ARG A 86 6.43 0.66 18.87
CA ARG A 86 5.61 0.40 17.71
C ARG A 86 4.71 -0.81 18.02
N ASP A 87 5.30 -1.89 18.50
CA ASP A 87 4.54 -3.09 18.84
C ASP A 87 3.49 -2.89 19.92
N ALA A 88 3.73 -1.97 20.83
CA ALA A 88 2.80 -1.68 21.90
C ALA A 88 1.56 -1.05 21.28
N TYR A 89 1.82 -0.04 20.45
CA TYR A 89 0.78 0.70 19.76
C TYR A 89 -0.14 -0.28 19.06
N VAL A 90 0.47 -1.26 18.42
CA VAL A 90 -0.28 -2.27 17.73
C VAL A 90 -1.18 -3.05 18.71
N SER A 91 -0.69 -3.37 19.90
CA SER A 91 -1.50 -4.09 20.89
C SER A 91 -2.66 -3.19 21.25
N ARG A 92 -2.39 -1.94 21.59
CA ARG A 92 -3.49 -1.04 21.93
C ARG A 92 -4.56 -0.98 20.86
N LEU A 93 -4.15 -0.99 19.61
CA LEU A 93 -5.09 -0.93 18.51
C LEU A 93 -5.94 -2.17 18.46
N ASN A 94 -5.34 -3.32 18.74
CA ASN A 94 -6.07 -4.61 18.73
C ASN A 94 -7.21 -4.57 19.75
N ALA A 95 -6.86 -4.28 21.01
CA ALA A 95 -7.81 -4.16 22.12
C ALA A 95 -8.95 -3.26 21.68
N ILE A 96 -8.61 -2.06 21.24
CA ILE A 96 -9.60 -1.11 20.77
C ILE A 96 -10.52 -1.73 19.75
N TYR A 97 -9.99 -2.52 18.83
CA TYR A 97 -10.82 -3.13 17.80
C TYR A 97 -11.75 -4.19 18.35
N GLN A 98 -11.19 -5.09 19.16
CA GLN A 98 -11.97 -6.17 19.77
C GLN A 98 -13.21 -5.54 20.39
N ASN A 99 -12.97 -4.57 21.26
CA ASN A 99 -13.98 -3.81 21.98
C ASN A 99 -15.06 -3.28 21.05
N ASN A 100 -14.69 -2.43 20.10
CA ASN A 100 -15.63 -1.89 19.13
C ASN A 100 -16.56 -2.98 18.57
N LEU A 101 -15.99 -4.12 18.18
CA LEU A 101 -16.78 -5.22 17.65
C LEU A 101 -17.83 -5.62 18.64
N THR A 102 -17.42 -6.12 19.78
CA THR A 102 -18.37 -6.53 20.80
C THR A 102 -19.33 -5.41 21.16
N LYS A 103 -18.82 -4.19 21.21
CA LYS A 103 -19.63 -3.02 21.52
C LYS A 103 -20.78 -2.92 20.51
N SER A 104 -20.51 -3.30 19.27
CA SER A 104 -21.50 -3.24 18.20
C SER A 104 -22.26 -4.54 18.01
N HIS A 105 -22.15 -5.44 18.99
CA HIS A 105 -22.84 -6.73 18.98
C HIS A 105 -22.37 -7.66 17.89
N ILE A 106 -21.10 -7.58 17.57
CA ILE A 106 -20.58 -8.42 16.52
C ILE A 106 -19.85 -9.63 17.09
N GLU A 107 -20.45 -10.78 16.81
CA GLU A 107 -19.93 -12.07 17.23
C GLU A 107 -18.61 -12.27 16.47
N ILE A 108 -17.58 -12.75 17.16
CA ILE A 108 -16.27 -12.99 16.54
C ILE A 108 -15.98 -14.49 16.53
N ILE A 109 -16.14 -15.16 15.40
CA ILE A 109 -15.88 -16.60 15.36
C ILE A 109 -14.37 -16.68 15.21
N ARG A 110 -13.68 -17.04 16.29
CA ARG A 110 -12.21 -17.10 16.32
C ARG A 110 -11.54 -18.36 15.75
N GLY A 111 -11.26 -18.36 14.45
CA GLY A 111 -10.62 -19.50 13.82
C GLY A 111 -10.50 -19.43 12.30
N HIS A 112 -10.25 -20.57 11.65
CA HIS A 112 -10.10 -20.60 10.19
C HIS A 112 -11.25 -21.18 9.37
N ALA A 113 -11.88 -20.31 8.61
CA ALA A 113 -13.02 -20.65 7.77
C ALA A 113 -12.66 -21.31 6.46
N ALA A 114 -13.58 -22.16 5.98
CA ALA A 114 -13.45 -22.90 4.73
C ALA A 114 -14.87 -23.30 4.38
N PHE A 115 -15.23 -23.16 3.11
CA PHE A 115 -16.57 -23.52 2.65
C PHE A 115 -16.80 -25.02 2.64
N THR A 116 -18.02 -25.46 2.95
CA THR A 116 -18.33 -26.88 2.97
C THR A 116 -18.99 -27.30 1.67
N SER A 117 -19.20 -28.61 1.57
CA SER A 117 -19.82 -29.26 0.42
C SER A 117 -21.31 -28.89 0.35
N ASP A 118 -21.88 -28.58 1.51
CA ASP A 118 -23.28 -28.20 1.63
C ASP A 118 -23.79 -27.43 0.42
N PRO A 119 -25.03 -27.73 -0.02
CA PRO A 119 -25.66 -27.07 -1.16
C PRO A 119 -25.69 -25.55 -0.98
N LYS A 120 -26.45 -25.08 0.03
CA LYS A 120 -26.53 -23.66 0.32
C LYS A 120 -25.12 -23.29 0.84
N PRO A 121 -24.64 -22.09 0.53
CA PRO A 121 -23.30 -21.71 0.99
C PRO A 121 -23.16 -21.87 2.51
N THR A 122 -22.08 -22.50 2.96
CA THR A 122 -21.86 -22.72 4.38
C THR A 122 -20.37 -22.83 4.64
N ILE A 123 -19.94 -22.47 5.83
CA ILE A 123 -18.54 -22.57 6.18
C ILE A 123 -18.37 -23.30 7.50
N GLU A 124 -17.25 -23.99 7.62
CA GLU A 124 -16.97 -24.75 8.83
C GLU A 124 -15.77 -24.13 9.56
N VAL A 125 -16.02 -23.61 10.75
CA VAL A 125 -14.95 -23.03 11.56
C VAL A 125 -14.74 -23.96 12.74
N SER A 126 -13.58 -24.59 12.81
CA SER A 126 -13.25 -25.54 13.88
C SER A 126 -14.36 -26.58 14.15
N GLY A 127 -14.61 -27.44 13.16
CA GLY A 127 -15.61 -28.49 13.29
C GLY A 127 -17.06 -28.02 13.40
N LYS A 128 -17.27 -26.71 13.45
CA LYS A 128 -18.60 -26.13 13.57
C LYS A 128 -19.05 -25.42 12.31
N LYS A 129 -20.32 -25.57 12.00
CA LYS A 129 -20.86 -24.96 10.80
C LYS A 129 -21.70 -23.71 11.06
N TYR A 130 -21.54 -22.72 10.19
CA TYR A 130 -22.25 -21.45 10.26
C TYR A 130 -22.65 -21.16 8.82
N THR A 131 -23.69 -20.38 8.66
CA THR A 131 -24.17 -20.02 7.33
C THR A 131 -24.91 -18.68 7.45
N ALA A 132 -25.37 -18.15 6.32
CA ALA A 132 -26.08 -16.88 6.33
C ALA A 132 -26.51 -16.54 4.93
N PRO A 133 -27.62 -15.83 4.77
CA PRO A 133 -28.04 -15.47 3.41
C PRO A 133 -27.02 -14.53 2.73
N HIS A 134 -25.93 -14.18 3.42
CA HIS A 134 -24.89 -13.28 2.91
C HIS A 134 -23.55 -13.53 3.55
N ILE A 135 -22.60 -14.03 2.79
CA ILE A 135 -21.24 -14.28 3.29
C ILE A 135 -20.28 -13.38 2.51
N LEU A 136 -19.39 -12.69 3.20
CA LEU A 136 -18.44 -11.84 2.51
C LEU A 136 -17.04 -12.34 2.72
N ILE A 137 -16.37 -12.73 1.63
CA ILE A 137 -15.00 -13.17 1.75
C ILE A 137 -14.14 -11.90 1.67
N ALA A 138 -13.40 -11.63 2.72
CA ALA A 138 -12.54 -10.46 2.79
C ALA A 138 -11.26 -10.90 3.50
N THR A 139 -10.66 -11.97 2.98
CA THR A 139 -9.46 -12.60 3.52
C THR A 139 -8.14 -12.00 3.08
N GLY A 140 -8.20 -10.91 2.32
CA GLY A 140 -6.98 -10.25 1.87
C GLY A 140 -5.92 -11.02 1.09
N GLY A 141 -4.66 -10.67 1.34
CA GLY A 141 -3.56 -11.32 0.66
C GLY A 141 -2.32 -11.48 1.51
N MET A 142 -1.20 -11.83 0.87
CA MET A 142 0.04 -12.03 1.61
C MET A 142 1.26 -11.87 0.69
N PRO A 143 2.46 -11.79 1.29
CA PRO A 143 3.69 -11.64 0.51
C PRO A 143 3.99 -12.78 -0.46
N SER A 144 4.37 -12.36 -1.66
CA SER A 144 4.74 -13.26 -2.74
C SER A 144 6.19 -13.57 -2.45
N THR A 145 6.59 -14.83 -2.58
CA THR A 145 8.00 -15.19 -2.35
C THR A 145 8.52 -16.15 -3.43
N PRO A 146 9.78 -15.95 -3.89
CA PRO A 146 10.35 -16.81 -4.91
C PRO A 146 10.61 -18.23 -4.46
N HIS A 147 10.64 -19.13 -5.44
CA HIS A 147 10.90 -20.56 -5.22
C HIS A 147 12.37 -20.93 -5.25
N GLU A 148 12.72 -21.92 -4.45
CA GLU A 148 14.09 -22.42 -4.42
C GLU A 148 14.26 -22.95 -5.85
N SER A 149 13.14 -23.41 -6.40
CA SER A 149 13.06 -23.91 -7.75
C SER A 149 13.62 -22.82 -8.67
N GLN A 150 12.97 -21.66 -8.68
CA GLN A 150 13.38 -20.48 -9.48
C GLN A 150 14.70 -19.89 -8.94
N ILE A 151 14.63 -19.23 -7.78
CA ILE A 151 15.78 -18.61 -7.13
C ILE A 151 16.28 -19.43 -5.95
N PRO A 152 17.34 -20.21 -6.17
CA PRO A 152 17.94 -21.04 -5.14
C PRO A 152 18.40 -20.16 -3.99
N GLY A 153 17.82 -20.37 -2.80
CA GLY A 153 18.20 -19.59 -1.65
C GLY A 153 17.23 -18.46 -1.39
N ALA A 154 16.08 -18.50 -2.06
CA ALA A 154 15.04 -17.49 -1.90
C ALA A 154 14.55 -17.41 -0.47
N SER A 155 14.29 -18.57 0.13
CA SER A 155 13.79 -18.60 1.51
C SER A 155 14.72 -18.05 2.57
N LEU A 156 15.94 -17.69 2.17
CA LEU A 156 16.89 -17.09 3.10
C LEU A 156 16.52 -15.64 3.45
N GLY A 157 15.76 -15.00 2.57
CA GLY A 157 15.36 -13.62 2.77
C GLY A 157 14.04 -13.52 3.50
N ILE A 158 13.68 -12.30 3.87
CA ILE A 158 12.47 -12.01 4.59
C ILE A 158 11.53 -11.18 3.73
N THR A 159 10.35 -10.87 4.25
CA THR A 159 9.41 -10.02 3.53
C THR A 159 9.10 -8.83 4.44
N SER A 160 8.03 -8.08 4.15
CA SER A 160 7.62 -6.93 4.95
C SER A 160 7.23 -7.37 6.38
N ASP A 161 6.71 -8.58 6.50
CA ASP A 161 6.35 -9.11 7.79
C ASP A 161 7.66 -9.27 8.54
N GLY A 162 8.51 -10.15 8.05
CA GLY A 162 9.80 -10.36 8.66
C GLY A 162 10.43 -9.05 9.04
N PHE A 163 10.19 -8.03 8.23
CA PHE A 163 10.73 -6.70 8.49
C PHE A 163 10.18 -6.21 9.82
N PHE A 164 8.86 -6.28 9.98
CA PHE A 164 8.23 -5.83 11.21
C PHE A 164 8.52 -6.72 12.42
N GLN A 165 9.43 -7.66 12.28
CA GLN A 165 9.79 -8.52 13.40
C GLN A 165 11.25 -8.35 13.75
N LEU A 166 11.96 -7.54 12.97
CA LEU A 166 13.36 -7.30 13.19
C LEU A 166 13.60 -6.52 14.46
N GLU A 167 14.52 -7.01 15.28
CA GLU A 167 14.85 -6.34 16.55
C GLU A 167 16.17 -5.63 16.47
N GLU A 168 16.69 -5.47 15.26
CA GLU A 168 17.95 -4.79 15.06
C GLU A 168 18.08 -4.29 13.64
N LEU A 169 18.53 -3.05 13.50
CA LEU A 169 18.71 -2.43 12.18
C LEU A 169 19.86 -3.13 11.48
N PRO A 170 19.55 -3.87 10.40
CA PRO A 170 20.58 -4.59 9.64
C PRO A 170 21.54 -3.58 9.05
N GLY A 171 22.84 -3.90 9.14
CA GLY A 171 23.89 -3.03 8.62
C GLY A 171 23.86 -2.92 7.11
N ARG A 172 23.72 -4.07 6.44
CA ARG A 172 23.67 -4.15 4.97
C ARG A 172 22.29 -4.66 4.59
N SER A 173 21.52 -3.84 3.89
CA SER A 173 20.21 -4.27 3.48
C SER A 173 20.17 -4.30 1.97
N VAL A 174 19.38 -5.21 1.40
CA VAL A 174 19.22 -5.24 -0.04
C VAL A 174 17.76 -5.49 -0.22
N ILE A 175 17.10 -4.63 -0.99
CA ILE A 175 15.67 -4.76 -1.22
C ILE A 175 15.48 -5.02 -2.69
N VAL A 176 14.56 -5.93 -3.00
CA VAL A 176 14.24 -6.34 -4.37
C VAL A 176 12.79 -6.02 -4.72
N GLY A 177 12.60 -4.99 -5.51
CA GLY A 177 11.26 -4.61 -5.92
C GLY A 177 11.23 -3.16 -6.32
N ALA A 178 10.22 -2.77 -7.08
CA ALA A 178 10.11 -1.39 -7.54
C ALA A 178 8.76 -0.71 -7.27
N GLY A 179 8.04 -1.17 -6.26
CA GLY A 179 6.74 -0.59 -5.96
C GLY A 179 6.76 0.21 -4.67
N TYR A 180 5.60 0.70 -4.25
CA TYR A 180 5.57 1.50 -3.03
C TYR A 180 6.14 0.80 -1.80
N ILE A 181 5.94 -0.50 -1.65
CA ILE A 181 6.50 -1.15 -0.47
C ILE A 181 8.00 -1.18 -0.53
N ALA A 182 8.53 -1.57 -1.68
CA ALA A 182 9.97 -1.64 -1.90
C ALA A 182 10.59 -0.27 -1.73
N VAL A 183 9.94 0.74 -2.28
CA VAL A 183 10.43 2.10 -2.16
C VAL A 183 10.46 2.57 -0.70
N GLU A 184 9.41 2.27 0.06
CA GLU A 184 9.34 2.66 1.46
C GLU A 184 10.33 1.90 2.34
N MET A 185 10.43 0.60 2.14
CA MET A 185 11.37 -0.19 2.92
C MET A 185 12.79 0.32 2.68
N ALA A 186 13.06 0.73 1.46
CA ALA A 186 14.37 1.25 1.10
C ALA A 186 14.61 2.56 1.79
N GLY A 187 13.59 3.41 1.79
CA GLY A 187 13.71 4.71 2.44
C GLY A 187 13.86 4.72 3.95
N ILE A 188 13.14 3.82 4.65
CA ILE A 188 13.18 3.74 6.12
C ILE A 188 14.53 3.21 6.59
N LEU A 189 14.96 2.12 5.98
CA LEU A 189 16.22 1.48 6.29
C LEU A 189 17.42 2.38 6.06
N SER A 190 17.51 3.03 4.91
CA SER A 190 18.67 3.88 4.68
C SER A 190 18.63 5.19 5.44
N ALA A 191 17.44 5.70 5.73
CA ALA A 191 17.34 6.94 6.49
C ALA A 191 17.76 6.58 7.93
N LEU A 192 17.37 5.39 8.37
CA LEU A 192 17.73 4.90 9.71
C LEU A 192 19.18 4.36 9.82
N GLY A 193 19.97 4.40 8.75
CA GLY A 193 21.36 3.94 8.86
C GLY A 193 21.91 2.80 8.01
N SER A 194 21.07 1.80 7.70
CA SER A 194 21.47 0.63 6.92
C SER A 194 21.96 1.03 5.54
N LYS A 195 23.01 0.36 5.06
CA LYS A 195 23.60 0.60 3.72
C LYS A 195 22.70 -0.17 2.75
N THR A 196 21.71 0.53 2.22
CA THR A 196 20.69 -0.05 1.37
C THR A 196 20.92 -0.07 -0.14
N SER A 197 20.47 -1.14 -0.78
CA SER A 197 20.55 -1.31 -2.22
C SER A 197 19.13 -1.65 -2.67
N LEU A 198 18.61 -0.93 -3.66
CA LEU A 198 17.28 -1.24 -4.19
C LEU A 198 17.50 -1.88 -5.56
N MET A 199 17.19 -3.17 -5.64
CA MET A 199 17.37 -3.95 -6.85
C MET A 199 16.12 -3.97 -7.73
N ILE A 200 16.15 -3.18 -8.79
CA ILE A 200 15.05 -3.11 -9.72
C ILE A 200 15.32 -3.74 -11.09
N ARG A 201 14.25 -4.25 -11.67
CA ARG A 201 14.23 -4.94 -12.96
C ARG A 201 14.47 -3.99 -14.15
N HIS A 202 14.19 -2.70 -13.97
CA HIS A 202 14.34 -1.72 -15.04
C HIS A 202 15.23 -0.57 -14.61
N ASP A 203 15.00 0.58 -15.23
CA ASP A 203 15.75 1.78 -14.95
C ASP A 203 15.16 2.65 -13.84
N LYS A 204 13.89 2.46 -13.55
CA LYS A 204 13.18 3.24 -12.54
C LYS A 204 12.20 2.43 -11.70
N VAL A 205 11.64 3.10 -10.70
CA VAL A 205 10.68 2.57 -9.72
C VAL A 205 9.32 3.24 -9.88
N LEU A 206 8.29 2.64 -9.30
CA LEU A 206 6.92 3.18 -9.38
C LEU A 206 6.69 3.48 -10.84
N ARG A 207 7.02 2.50 -11.65
CA ARG A 207 6.90 2.62 -13.09
C ARG A 207 5.51 2.83 -13.59
N SER A 208 4.51 2.38 -12.82
CA SER A 208 3.12 2.55 -13.24
C SER A 208 2.53 3.88 -12.78
N PHE A 209 3.38 4.73 -12.18
CA PHE A 209 3.00 6.06 -11.71
C PHE A 209 3.35 7.03 -12.83
N ASP A 210 2.77 8.22 -12.83
CA ASP A 210 3.08 9.17 -13.89
C ASP A 210 4.60 9.32 -14.11
N SER A 211 5.04 9.22 -15.37
CA SER A 211 6.45 9.34 -15.72
C SER A 211 7.28 10.25 -14.80
N MET A 212 6.78 11.45 -14.58
CA MET A 212 7.46 12.43 -13.72
C MET A 212 7.77 11.89 -12.33
N ILE A 213 6.81 11.17 -11.78
CA ILE A 213 6.95 10.59 -10.47
C ILE A 213 7.94 9.47 -10.55
N SER A 214 7.73 8.56 -11.47
CA SER A 214 8.64 7.43 -11.61
C SER A 214 10.06 7.90 -11.72
N THR A 215 10.25 9.00 -12.42
CA THR A 215 11.57 9.61 -12.59
C THR A 215 12.07 10.28 -11.33
N ASN A 216 11.30 11.25 -10.83
CA ASN A 216 11.72 11.97 -9.65
C ASN A 216 12.09 11.09 -8.50
N CYS A 217 11.25 10.08 -8.27
CA CYS A 217 11.43 9.12 -7.20
C CYS A 217 12.67 8.25 -7.33
N THR A 218 13.03 7.85 -8.55
CA THR A 218 14.25 7.08 -8.67
C THR A 218 15.40 7.99 -8.26
N GLU A 219 15.31 9.28 -8.61
CA GLU A 219 16.35 10.26 -8.30
C GLU A 219 16.50 10.64 -6.84
N GLU A 220 15.40 10.97 -6.17
CA GLU A 220 15.48 11.36 -4.76
C GLU A 220 16.05 10.21 -3.91
N LEU A 221 15.84 8.99 -4.39
CA LEU A 221 16.33 7.81 -3.73
C LEU A 221 17.83 7.80 -3.80
N GLU A 222 18.35 7.92 -5.02
CA GLU A 222 19.77 7.93 -5.22
C GLU A 222 20.36 9.08 -4.42
N ASN A 223 19.84 10.28 -4.63
CA ASN A 223 20.30 11.48 -3.92
C ASN A 223 20.39 11.35 -2.41
N ALA A 224 19.60 10.43 -1.85
CA ALA A 224 19.51 10.18 -0.40
C ALA A 224 20.37 9.05 0.16
N GLY A 225 21.01 8.28 -0.73
CA GLY A 225 21.87 7.21 -0.25
C GLY A 225 21.46 5.82 -0.63
N VAL A 226 20.31 5.69 -1.29
CA VAL A 226 19.84 4.38 -1.69
C VAL A 226 20.51 4.04 -3.00
N GLU A 227 21.10 2.87 -3.06
CA GLU A 227 21.78 2.44 -4.26
C GLU A 227 20.78 1.72 -5.16
N VAL A 228 20.36 2.35 -6.25
CA VAL A 228 19.43 1.69 -7.17
C VAL A 228 20.18 0.82 -8.17
N LEU A 229 19.99 -0.49 -8.06
CA LEU A 229 20.63 -1.46 -8.95
C LEU A 229 19.62 -1.74 -10.09
N LYS A 230 19.80 -1.09 -11.24
CA LYS A 230 18.89 -1.24 -12.38
C LYS A 230 19.17 -2.44 -13.31
N PHE A 231 18.12 -2.95 -13.93
CA PHE A 231 18.24 -4.08 -14.85
C PHE A 231 18.91 -5.27 -14.19
N SER A 232 18.84 -5.31 -12.87
CA SER A 232 19.46 -6.39 -12.11
C SER A 232 18.45 -7.42 -11.57
N GLN A 233 18.89 -8.68 -11.42
CA GLN A 233 18.03 -9.75 -10.89
C GLN A 233 18.81 -10.65 -9.95
N VAL A 234 18.12 -11.20 -8.95
CA VAL A 234 18.77 -12.08 -8.01
C VAL A 234 18.77 -13.45 -8.63
N LYS A 235 19.97 -13.95 -8.93
CA LYS A 235 20.19 -15.26 -9.51
C LYS A 235 20.02 -16.31 -8.42
N GLU A 236 20.81 -16.18 -7.35
CA GLU A 236 20.75 -17.11 -6.23
C GLU A 236 21.29 -16.47 -4.96
N VAL A 237 20.75 -16.90 -3.84
CA VAL A 237 21.14 -16.35 -2.57
C VAL A 237 21.82 -17.47 -1.81
N LYS A 238 22.90 -17.14 -1.11
CA LYS A 238 23.66 -18.10 -0.34
C LYS A 238 24.05 -17.56 1.02
N LYS A 239 23.98 -18.44 2.01
CA LYS A 239 24.33 -18.08 3.38
C LYS A 239 25.81 -18.31 3.58
N THR A 240 26.60 -17.23 3.72
CA THR A 240 28.03 -17.38 3.94
C THR A 240 28.18 -17.32 5.46
N LEU A 241 29.40 -17.12 5.97
CA LEU A 241 29.61 -17.02 7.41
C LEU A 241 29.52 -15.57 7.86
N SER A 242 29.69 -14.67 6.90
CA SER A 242 29.68 -13.23 7.14
C SER A 242 28.37 -12.56 6.75
N GLY A 243 27.36 -13.37 6.49
CA GLY A 243 26.08 -12.84 6.11
C GLY A 243 25.59 -13.62 4.91
N LEU A 244 24.99 -12.93 3.96
CA LEU A 244 24.47 -13.57 2.78
C LEU A 244 25.25 -13.09 1.59
N GLU A 245 25.24 -13.89 0.53
CA GLU A 245 25.93 -13.55 -0.69
C GLU A 245 24.93 -13.67 -1.83
N VAL A 246 24.56 -12.53 -2.38
CA VAL A 246 23.60 -12.47 -3.46
C VAL A 246 24.23 -12.40 -4.83
N SER A 247 23.84 -13.36 -5.66
CA SER A 247 24.33 -13.43 -7.00
C SER A 247 23.25 -12.73 -7.77
N MET A 248 23.66 -11.68 -8.46
CA MET A 248 22.78 -10.84 -9.21
C MET A 248 23.24 -10.85 -10.66
N VAL A 249 22.37 -10.42 -11.56
CA VAL A 249 22.66 -10.35 -12.99
C VAL A 249 22.21 -9.02 -13.54
N THR A 250 23.13 -8.19 -14.01
CA THR A 250 22.73 -6.92 -14.58
C THR A 250 22.71 -6.96 -16.12
N ALA A 251 21.51 -6.97 -16.70
CA ALA A 251 21.36 -7.00 -18.15
C ALA A 251 20.88 -5.66 -18.64
N VAL A 252 21.78 -4.67 -18.64
CA VAL A 252 21.49 -3.34 -19.13
C VAL A 252 21.40 -3.52 -20.65
N PRO A 253 20.20 -3.32 -21.22
CA PRO A 253 20.01 -3.48 -22.66
C PRO A 253 21.03 -2.69 -23.48
N GLY A 254 21.65 -3.35 -24.43
CA GLY A 254 22.65 -2.69 -25.25
C GLY A 254 24.01 -3.12 -24.75
N ARG A 255 24.08 -3.73 -23.58
CA ARG A 255 25.35 -4.18 -23.04
C ARG A 255 25.24 -5.66 -22.82
N LEU A 256 26.38 -6.23 -22.44
CA LEU A 256 26.49 -7.64 -22.14
C LEU A 256 26.19 -7.88 -20.66
N PRO A 257 25.41 -8.91 -20.35
CA PRO A 257 25.04 -9.28 -18.99
C PRO A 257 26.31 -9.37 -18.14
N VAL A 258 26.19 -9.06 -16.87
CA VAL A 258 27.34 -9.16 -16.01
C VAL A 258 26.85 -9.76 -14.69
N MET A 259 27.62 -10.70 -14.14
CA MET A 259 27.24 -11.34 -12.88
C MET A 259 27.92 -10.61 -11.75
N THR A 260 27.18 -10.41 -10.66
CA THR A 260 27.71 -9.69 -9.53
C THR A 260 27.37 -10.34 -8.18
N MET A 261 28.27 -10.19 -7.22
CA MET A 261 28.09 -10.73 -5.88
C MET A 261 27.91 -9.56 -4.95
N ILE A 262 26.88 -9.61 -4.11
CA ILE A 262 26.74 -8.58 -3.12
C ILE A 262 26.99 -9.50 -1.94
N PRO A 263 28.08 -9.28 -1.18
CA PRO A 263 28.38 -10.13 -0.03
C PRO A 263 28.10 -9.40 1.28
N ASP A 264 28.10 -10.15 2.38
CA ASP A 264 27.90 -9.58 3.70
C ASP A 264 26.56 -8.87 3.88
N VAL A 265 25.55 -9.32 3.14
CA VAL A 265 24.21 -8.75 3.24
C VAL A 265 23.59 -9.27 4.53
N ASP A 266 23.04 -8.37 5.35
CA ASP A 266 22.41 -8.75 6.63
C ASP A 266 20.92 -9.09 6.44
N CYS A 267 20.27 -8.29 5.60
CA CYS A 267 18.84 -8.42 5.32
C CYS A 267 18.55 -8.45 3.82
N LEU A 268 17.88 -9.51 3.35
CA LEU A 268 17.47 -9.59 1.95
C LEU A 268 15.95 -9.54 1.99
N LEU A 269 15.40 -8.43 1.54
CA LEU A 269 13.98 -8.23 1.62
C LEU A 269 13.30 -8.38 0.28
N TRP A 270 12.35 -9.30 0.19
CA TRP A 270 11.61 -9.52 -1.04
C TRP A 270 10.39 -8.61 -1.08
N ALA A 271 10.36 -7.68 -2.02
CA ALA A 271 9.22 -6.75 -2.12
C ALA A 271 8.69 -6.83 -3.53
N ILE A 272 8.50 -8.06 -4.01
CA ILE A 272 8.00 -8.31 -5.35
C ILE A 272 6.46 -8.40 -5.53
N GLY A 273 5.69 -8.63 -4.46
CA GLY A 273 4.23 -8.69 -4.64
C GLY A 273 3.38 -9.34 -3.55
N ARG A 274 2.06 -9.27 -3.74
CA ARG A 274 1.09 -9.85 -2.79
C ARG A 274 0.28 -10.88 -3.53
N VAL A 275 0.30 -12.11 -3.02
CA VAL A 275 -0.45 -13.21 -3.61
C VAL A 275 -1.74 -13.30 -2.75
N PRO A 276 -2.90 -13.64 -3.37
CA PRO A 276 -4.19 -13.75 -2.65
C PRO A 276 -4.30 -14.85 -1.60
N ASN A 277 -5.10 -14.60 -0.57
CA ASN A 277 -5.28 -15.56 0.50
C ASN A 277 -6.54 -16.38 0.29
N THR A 278 -6.53 -17.21 -0.76
CA THR A 278 -7.72 -18.00 -1.09
C THR A 278 -7.73 -19.55 -1.14
N LYS A 279 -6.61 -20.25 -1.27
CA LYS A 279 -6.73 -21.71 -1.38
C LYS A 279 -7.32 -22.50 -0.21
N ASP A 280 -7.02 -22.09 1.01
CA ASP A 280 -7.53 -22.78 2.18
C ASP A 280 -9.00 -22.51 2.48
N LEU A 281 -9.68 -21.82 1.57
CA LEU A 281 -11.09 -21.51 1.69
C LEU A 281 -11.94 -22.61 1.09
N SER A 282 -11.30 -23.47 0.30
CA SER A 282 -12.01 -24.54 -0.38
C SER A 282 -13.05 -23.90 -1.27
N LEU A 283 -12.61 -22.90 -2.03
CA LEU A 283 -13.46 -22.20 -2.98
C LEU A 283 -14.10 -23.17 -4.00
N ASN A 284 -13.32 -24.17 -4.40
CA ASN A 284 -13.71 -25.21 -5.37
C ASN A 284 -14.91 -26.03 -5.01
N LYS A 285 -15.28 -26.04 -3.73
CA LYS A 285 -16.45 -26.78 -3.28
C LYS A 285 -17.74 -26.18 -3.84
N LEU A 286 -17.71 -24.87 -4.11
CA LEU A 286 -18.88 -24.14 -4.64
C LEU A 286 -18.73 -23.72 -6.08
N GLY A 287 -17.49 -23.64 -6.54
CA GLY A 287 -17.25 -23.23 -7.90
C GLY A 287 -17.19 -21.73 -8.00
N ILE A 288 -16.77 -21.08 -6.92
CA ILE A 288 -16.62 -19.64 -6.87
C ILE A 288 -15.43 -19.41 -7.78
N GLN A 289 -15.64 -18.77 -8.93
CA GLN A 289 -14.52 -18.59 -9.83
C GLN A 289 -13.45 -17.60 -9.38
N THR A 290 -12.22 -17.85 -9.84
CA THR A 290 -11.08 -16.98 -9.56
C THR A 290 -10.28 -16.84 -10.83
N ASP A 291 -9.22 -16.03 -10.79
CA ASP A 291 -8.34 -15.83 -11.93
C ASP A 291 -7.20 -16.83 -11.76
N ASP A 292 -6.24 -16.82 -12.70
CA ASP A 292 -5.11 -17.76 -12.65
C ASP A 292 -4.14 -17.57 -11.48
N LYS A 293 -4.25 -16.46 -10.77
CA LYS A 293 -3.40 -16.19 -9.62
C LYS A 293 -4.15 -16.39 -8.30
N GLY A 294 -5.40 -16.88 -8.39
CA GLY A 294 -6.20 -17.11 -7.20
C GLY A 294 -7.06 -15.96 -6.71
N HIS A 295 -6.93 -14.79 -7.34
CA HIS A 295 -7.74 -13.63 -6.95
C HIS A 295 -9.18 -14.05 -7.13
N ILE A 296 -10.08 -13.58 -6.28
CA ILE A 296 -11.50 -13.92 -6.41
C ILE A 296 -12.16 -12.92 -7.38
N ILE A 297 -12.89 -13.43 -8.37
CA ILE A 297 -13.54 -12.61 -9.42
C ILE A 297 -14.91 -12.08 -9.00
N VAL A 298 -15.09 -10.76 -9.05
CA VAL A 298 -16.35 -10.10 -8.68
C VAL A 298 -16.84 -9.08 -9.69
N ASP A 299 -18.12 -8.74 -9.64
CA ASP A 299 -18.69 -7.73 -10.54
C ASP A 299 -18.53 -6.32 -9.92
N GLU A 300 -19.14 -5.30 -10.49
CA GLU A 300 -18.96 -3.95 -9.94
C GLU A 300 -19.51 -3.82 -8.52
N PHE A 301 -20.43 -4.72 -8.18
CA PHE A 301 -21.05 -4.78 -6.88
C PHE A 301 -20.40 -5.83 -5.98
N GLN A 302 -19.18 -6.20 -6.27
CA GLN A 302 -18.47 -7.18 -5.46
C GLN A 302 -19.14 -8.53 -5.37
N ASN A 303 -19.92 -8.87 -6.39
CA ASN A 303 -20.64 -10.14 -6.49
C ASN A 303 -19.74 -11.26 -7.06
N THR A 304 -19.61 -12.41 -6.39
CA THR A 304 -18.85 -13.52 -6.98
C THR A 304 -19.83 -14.14 -7.99
N ASN A 305 -19.51 -15.28 -8.60
CA ASN A 305 -20.48 -15.84 -9.55
C ASN A 305 -21.60 -16.63 -8.83
N VAL A 306 -21.39 -16.85 -7.53
CA VAL A 306 -22.34 -17.55 -6.67
C VAL A 306 -23.24 -16.51 -5.96
N LYS A 307 -24.49 -16.90 -5.72
CA LYS A 307 -25.47 -16.03 -5.05
C LYS A 307 -25.31 -16.13 -3.55
N GLY A 308 -25.17 -14.97 -2.92
CA GLY A 308 -24.98 -14.90 -1.48
C GLY A 308 -23.52 -14.83 -1.05
N ILE A 309 -22.60 -14.75 -2.02
CA ILE A 309 -21.16 -14.66 -1.76
C ILE A 309 -20.59 -13.47 -2.51
N TYR A 310 -19.77 -12.67 -1.81
CA TYR A 310 -19.18 -11.45 -2.36
C TYR A 310 -17.70 -11.43 -1.98
N ALA A 311 -16.96 -10.48 -2.51
CA ALA A 311 -15.55 -10.40 -2.17
C ALA A 311 -15.11 -8.95 -2.16
N VAL A 312 -14.24 -8.59 -1.23
CA VAL A 312 -13.76 -7.21 -1.15
C VAL A 312 -12.33 -7.15 -0.68
N GLY A 313 -11.64 -6.14 -1.17
CA GLY A 313 -10.27 -5.92 -0.77
C GLY A 313 -9.17 -6.61 -1.54
N ASP A 314 -8.02 -6.70 -0.90
CA ASP A 314 -6.82 -7.31 -1.44
C ASP A 314 -7.04 -8.65 -2.12
N VAL A 315 -8.00 -9.42 -1.61
CA VAL A 315 -8.30 -10.73 -2.14
C VAL A 315 -8.71 -10.67 -3.60
N CYS A 316 -9.42 -9.62 -3.99
CA CYS A 316 -9.88 -9.46 -5.36
C CYS A 316 -8.79 -8.97 -6.29
N GLY A 317 -7.68 -8.49 -5.74
CA GLY A 317 -6.58 -8.00 -6.55
C GLY A 317 -6.64 -6.56 -7.04
N LYS A 318 -7.80 -5.89 -6.94
CA LYS A 318 -7.91 -4.52 -7.41
C LYS A 318 -7.77 -3.41 -6.35
N ALA A 319 -6.86 -2.48 -6.64
CA ALA A 319 -6.60 -1.32 -5.78
C ALA A 319 -6.29 -1.73 -4.35
N LEU A 320 -5.13 -2.36 -4.16
CA LEU A 320 -4.69 -2.87 -2.87
C LEU A 320 -4.39 -1.80 -1.83
N LEU A 321 -5.47 -1.30 -1.23
CA LEU A 321 -5.39 -0.27 -0.20
C LEU A 321 -6.50 -0.45 0.85
N THR A 322 -6.20 -0.04 2.08
CA THR A 322 -7.15 -0.11 3.20
C THR A 322 -8.38 0.73 2.93
N PRO A 323 -8.21 1.98 2.50
CA PRO A 323 -9.42 2.75 2.25
C PRO A 323 -10.38 2.21 1.16
N VAL A 324 -9.82 1.51 0.17
CA VAL A 324 -10.59 0.94 -0.94
C VAL A 324 -11.35 -0.27 -0.43
N ALA A 325 -10.72 -1.02 0.47
CA ALA A 325 -11.31 -2.22 1.10
C ALA A 325 -12.48 -1.75 1.93
N ILE A 326 -12.21 -0.78 2.81
CA ILE A 326 -13.21 -0.18 3.69
C ILE A 326 -14.38 0.33 2.89
N ALA A 327 -14.10 1.28 1.99
CA ALA A 327 -15.10 1.89 1.14
C ALA A 327 -15.98 0.91 0.38
N ALA A 328 -15.44 -0.26 0.04
CA ALA A 328 -16.20 -1.29 -0.68
C ALA A 328 -17.11 -2.07 0.29
N GLY A 329 -16.60 -2.38 1.47
CA GLY A 329 -17.42 -3.10 2.44
C GLY A 329 -18.51 -2.23 3.02
N ARG A 330 -18.27 -0.93 3.08
CA ARG A 330 -19.25 0.00 3.59
C ARG A 330 -20.39 0.11 2.59
N LYS A 331 -20.06 0.25 1.30
CA LYS A 331 -21.09 0.36 0.26
C LYS A 331 -21.88 -0.93 0.07
N LEU A 332 -21.22 -2.06 0.34
CA LEU A 332 -21.84 -3.38 0.24
C LEU A 332 -22.90 -3.55 1.28
N ALA A 333 -22.61 -3.22 2.52
CA ALA A 333 -23.60 -3.37 3.58
C ALA A 333 -24.86 -2.60 3.23
N HIS A 334 -24.71 -1.36 2.77
CA HIS A 334 -25.86 -0.55 2.41
C HIS A 334 -26.67 -1.22 1.33
N ARG A 335 -25.96 -1.74 0.34
CA ARG A 335 -26.55 -2.41 -0.79
C ARG A 335 -27.44 -3.52 -0.27
N LEU A 336 -26.84 -4.44 0.47
CA LEU A 336 -27.50 -5.60 1.03
C LEU A 336 -28.56 -5.33 2.09
N PHE A 337 -28.13 -4.68 3.18
CA PHE A 337 -28.98 -4.38 4.35
C PHE A 337 -29.77 -3.10 4.38
N GLU A 338 -29.47 -2.16 3.50
CA GLU A 338 -30.23 -0.91 3.43
C GLU A 338 -30.97 -0.89 2.11
N TYR A 339 -30.91 -2.02 1.40
CA TYR A 339 -31.58 -2.18 0.13
C TYR A 339 -31.24 -1.15 -0.94
N LYS A 340 -30.06 -0.54 -0.86
CA LYS A 340 -29.64 0.40 -1.92
C LYS A 340 -29.03 -0.41 -3.07
N GLU A 341 -29.88 -0.72 -4.05
CA GLU A 341 -29.53 -1.51 -5.24
C GLU A 341 -28.25 -1.16 -6.00
N ASP A 342 -27.80 0.08 -5.83
CA ASP A 342 -26.61 0.59 -6.52
C ASP A 342 -25.40 1.09 -5.72
N SER A 343 -25.32 0.84 -4.43
CA SER A 343 -24.16 1.30 -3.75
C SER A 343 -23.08 0.31 -4.19
N LYS A 344 -22.10 0.89 -4.87
CA LYS A 344 -20.94 0.21 -5.42
C LYS A 344 -19.85 1.27 -5.31
N LEU A 345 -18.62 0.87 -5.06
CA LEU A 345 -17.53 1.83 -4.99
C LEU A 345 -17.11 2.20 -6.40
N ASP A 346 -16.73 3.46 -6.56
CA ASP A 346 -16.25 3.95 -7.84
C ASP A 346 -14.72 3.82 -7.78
N TYR A 347 -14.13 3.02 -8.66
CA TYR A 347 -12.68 2.80 -8.69
C TYR A 347 -11.81 3.87 -9.40
N ASN A 348 -12.42 4.96 -9.80
CA ASN A 348 -11.68 6.03 -10.45
C ASN A 348 -11.40 7.10 -9.43
N ASN A 349 -10.37 7.90 -9.68
CA ASN A 349 -10.00 9.00 -8.77
C ASN A 349 -9.76 8.56 -7.31
N ILE A 350 -9.11 7.42 -7.14
CA ILE A 350 -8.79 6.88 -5.81
C ILE A 350 -7.48 7.57 -5.43
N PRO A 351 -7.39 8.15 -4.22
CA PRO A 351 -6.14 8.81 -3.88
C PRO A 351 -5.17 7.82 -3.23
N THR A 352 -3.88 8.04 -3.49
CA THR A 352 -2.83 7.23 -2.92
C THR A 352 -1.58 8.04 -2.61
N VAL A 353 -0.99 7.76 -1.46
CA VAL A 353 0.22 8.44 -1.03
C VAL A 353 1.22 7.36 -0.74
N VAL A 354 2.44 7.54 -1.24
CA VAL A 354 3.55 6.63 -1.06
C VAL A 354 4.46 7.35 -0.11
N PHE A 355 4.77 6.75 1.02
CA PHE A 355 5.61 7.38 1.99
C PHE A 355 7.11 7.20 1.75
N SER A 356 7.58 7.77 0.65
CA SER A 356 8.99 7.74 0.34
C SER A 356 9.45 9.09 0.88
N HIS A 357 10.65 9.51 0.53
CA HIS A 357 11.16 10.78 1.04
C HIS A 357 11.73 11.61 -0.09
N PRO A 358 11.07 12.72 -0.47
CA PRO A 358 9.80 13.21 0.10
C PRO A 358 8.56 12.36 -0.30
N PRO A 359 7.42 12.56 0.39
CA PRO A 359 6.26 11.75 0.01
C PRO A 359 5.55 12.06 -1.31
N ILE A 360 5.01 11.00 -1.91
CA ILE A 360 4.29 11.10 -3.19
C ILE A 360 2.83 11.04 -2.89
N GLY A 361 2.05 11.73 -3.67
CA GLY A 361 0.62 11.69 -3.46
C GLY A 361 0.13 11.76 -4.86
N THR A 362 -0.90 11.01 -5.18
CA THR A 362 -1.40 11.03 -6.52
C THR A 362 -2.82 10.54 -6.61
N VAL A 363 -3.62 11.18 -7.45
CA VAL A 363 -5.00 10.78 -7.66
C VAL A 363 -5.33 11.00 -9.13
N GLY A 364 -6.23 10.18 -9.67
CA GLY A 364 -6.56 10.36 -11.07
C GLY A 364 -5.64 9.70 -12.08
N LEU A 365 -5.80 10.10 -13.35
CA LEU A 365 -5.04 9.54 -14.45
C LEU A 365 -3.65 10.11 -14.65
N THR A 366 -2.78 9.26 -15.19
CA THR A 366 -1.43 9.67 -15.51
C THR A 366 -1.59 10.34 -16.85
N GLU A 367 -0.56 11.03 -17.31
CA GLU A 367 -0.65 11.73 -18.59
C GLU A 367 -0.98 10.78 -19.74
N ASP A 368 -0.29 9.65 -19.76
CA ASP A 368 -0.44 8.63 -20.79
C ASP A 368 -1.83 8.03 -20.79
N GLU A 369 -2.40 7.85 -19.60
CA GLU A 369 -3.75 7.30 -19.51
C GLU A 369 -4.74 8.35 -20.00
N ALA A 370 -4.47 9.61 -19.67
CA ALA A 370 -5.31 10.70 -20.11
C ALA A 370 -5.27 10.64 -21.63
N ILE A 371 -4.06 10.68 -22.17
CA ILE A 371 -3.81 10.65 -23.60
C ILE A 371 -4.52 9.52 -24.32
N HIS A 372 -4.33 8.30 -23.85
CA HIS A 372 -4.94 7.14 -24.46
C HIS A 372 -6.47 7.16 -24.37
N LYS A 373 -7.00 8.02 -23.50
CA LYS A 373 -8.42 8.11 -23.33
C LYS A 373 -9.06 9.29 -24.06
N TYR A 374 -8.34 10.41 -24.12
CA TYR A 374 -8.86 11.61 -24.75
C TYR A 374 -8.25 11.90 -26.11
N GLY A 375 -6.97 11.56 -26.24
CA GLY A 375 -6.23 11.80 -27.46
C GLY A 375 -5.28 12.93 -27.22
N ILE A 376 -4.08 12.83 -27.75
CA ILE A 376 -3.08 13.88 -27.55
C ILE A 376 -3.65 15.27 -27.68
N GLU A 377 -4.50 15.47 -28.68
CA GLU A 377 -5.07 16.80 -28.93
C GLU A 377 -5.87 17.36 -27.76
N ASN A 378 -6.48 16.49 -26.96
CA ASN A 378 -7.30 16.93 -25.83
C ASN A 378 -6.77 16.61 -24.43
N VAL A 379 -5.49 16.91 -24.18
CA VAL A 379 -4.85 16.67 -22.89
C VAL A 379 -3.74 17.69 -22.69
N LYS A 380 -3.98 18.63 -21.76
CA LYS A 380 -3.02 19.69 -21.43
C LYS A 380 -2.51 19.39 -20.03
N THR A 381 -1.20 19.48 -19.82
CA THR A 381 -0.62 19.18 -18.49
C THR A 381 0.22 20.34 -17.98
N TYR A 382 0.03 20.74 -16.73
CA TYR A 382 0.79 21.85 -16.18
C TYR A 382 1.76 21.32 -15.17
N SER A 383 2.96 21.86 -15.14
CA SER A 383 3.93 21.33 -14.20
C SER A 383 4.64 22.45 -13.53
N THR A 384 5.32 22.12 -12.45
CA THR A 384 6.13 23.05 -11.70
C THR A 384 7.13 22.22 -10.91
N SER A 385 8.23 22.87 -10.55
CA SER A 385 9.29 22.22 -9.82
C SER A 385 9.97 23.28 -8.97
N PHE A 386 9.89 23.12 -7.65
CA PHE A 386 10.46 24.12 -6.80
C PHE A 386 11.10 23.54 -5.58
N THR A 387 11.77 24.39 -4.82
CA THR A 387 12.41 23.97 -3.59
C THR A 387 11.58 24.51 -2.44
N PRO A 388 11.00 23.63 -1.65
CA PRO A 388 10.20 24.01 -0.51
C PRO A 388 11.01 25.06 0.23
N MET A 389 10.37 26.08 0.83
CA MET A 389 11.18 27.07 1.52
C MET A 389 11.80 26.60 2.82
N TYR A 390 11.59 25.34 3.14
CA TYR A 390 12.18 24.74 4.32
C TYR A 390 13.67 24.60 4.00
N HIS A 391 13.97 24.32 2.73
CA HIS A 391 15.35 24.18 2.31
C HIS A 391 16.05 25.47 1.92
N ALA A 392 15.43 26.62 2.20
CA ALA A 392 16.00 27.94 1.87
C ALA A 392 17.23 28.23 2.71
N VAL A 393 17.40 27.49 3.81
CA VAL A 393 18.55 27.62 4.72
C VAL A 393 19.29 26.30 4.99
N THR A 394 18.94 25.20 4.31
CA THR A 394 19.61 23.92 4.54
C THR A 394 20.51 23.55 3.36
N LYS A 395 21.64 22.91 3.67
CA LYS A 395 22.59 22.45 2.64
C LYS A 395 22.01 21.22 1.96
N ARG A 396 21.26 20.45 2.74
CA ARG A 396 20.59 19.24 2.30
C ARG A 396 19.50 19.78 1.41
N LYS A 397 19.10 19.02 0.41
CA LYS A 397 18.06 19.51 -0.48
C LYS A 397 17.23 18.39 -1.06
N THR A 398 15.95 18.68 -1.20
CA THR A 398 14.98 17.75 -1.79
C THR A 398 14.14 18.74 -2.59
N LYS A 399 13.44 18.29 -3.60
CA LYS A 399 12.65 19.25 -4.31
C LYS A 399 11.22 18.80 -4.32
N CYS A 400 10.35 19.62 -4.90
CA CYS A 400 8.94 19.30 -4.99
C CYS A 400 8.55 19.43 -6.44
N VAL A 401 7.83 18.44 -6.96
CA VAL A 401 7.38 18.50 -8.35
C VAL A 401 5.88 18.22 -8.38
N MET A 402 5.15 18.99 -9.18
CA MET A 402 3.71 18.86 -9.29
C MET A 402 3.35 18.90 -10.74
N LYS A 403 2.45 18.04 -11.15
CA LYS A 403 1.96 17.97 -12.52
C LYS A 403 0.44 17.77 -12.51
N MET A 404 -0.26 18.60 -13.26
CA MET A 404 -1.71 18.56 -13.39
C MET A 404 -2.06 18.07 -14.80
N VAL A 405 -2.83 17.00 -14.94
CA VAL A 405 -3.24 16.50 -16.25
C VAL A 405 -4.68 16.97 -16.58
N CYS A 406 -4.89 17.83 -17.58
CA CYS A 406 -6.22 18.33 -17.96
C CYS A 406 -6.79 17.75 -19.25
N ALA A 407 -8.09 17.48 -19.27
CA ALA A 407 -8.76 16.88 -20.42
C ALA A 407 -9.79 17.80 -21.05
N ASN A 408 -9.90 17.73 -22.38
CA ASN A 408 -10.83 18.54 -23.16
C ASN A 408 -10.59 20.06 -23.06
N LYS A 409 -11.53 20.83 -23.62
CA LYS A 409 -11.50 22.30 -23.69
C LYS A 409 -11.76 23.04 -22.38
N GLU A 410 -12.52 22.42 -21.48
CA GLU A 410 -12.84 22.98 -20.16
C GLU A 410 -11.65 22.76 -19.23
N GLU A 411 -10.80 21.83 -19.64
CA GLU A 411 -9.61 21.45 -18.90
C GLU A 411 -9.99 20.78 -17.58
N LYS A 412 -10.88 19.80 -17.67
CA LYS A 412 -11.31 19.04 -16.52
C LYS A 412 -10.02 18.46 -15.90
N VAL A 413 -9.77 18.72 -14.63
CA VAL A 413 -8.57 18.21 -13.96
C VAL A 413 -8.76 16.70 -13.73
N VAL A 414 -8.23 15.88 -14.62
CA VAL A 414 -8.36 14.44 -14.51
C VAL A 414 -7.25 13.72 -13.73
N GLY A 415 -6.16 14.41 -13.41
CA GLY A 415 -5.08 13.77 -12.67
C GLY A 415 -4.15 14.73 -11.95
N ILE A 416 -3.81 14.43 -10.70
CA ILE A 416 -2.90 15.26 -9.91
C ILE A 416 -1.76 14.38 -9.40
N HIS A 417 -0.53 14.76 -9.72
CA HIS A 417 0.68 13.98 -9.37
C HIS A 417 1.71 14.91 -8.79
N MET A 418 2.20 14.59 -7.61
CA MET A 418 3.18 15.42 -6.95
C MET A 418 4.05 14.62 -6.02
N GLN A 419 5.21 15.17 -5.72
CA GLN A 419 6.09 14.56 -4.77
C GLN A 419 6.83 15.67 -4.05
N GLY A 420 6.84 15.62 -2.73
CA GLY A 420 7.54 16.64 -1.99
C GLY A 420 7.11 16.70 -0.55
N LEU A 421 7.73 17.62 0.19
CA LEU A 421 7.43 17.83 1.60
C LEU A 421 5.98 18.27 1.82
N GLY A 422 5.22 17.47 2.57
CA GLY A 422 3.85 17.83 2.86
C GLY A 422 2.85 17.23 1.92
N CYS A 423 3.32 16.59 0.86
CA CYS A 423 2.43 15.98 -0.10
C CYS A 423 1.54 14.91 0.48
N ASP A 424 1.87 14.43 1.68
CA ASP A 424 1.09 13.40 2.37
C ASP A 424 -0.25 13.92 2.90
N GLU A 425 -0.20 15.08 3.54
CA GLU A 425 -1.40 15.69 4.05
C GLU A 425 -2.10 16.54 3.01
N MET A 426 -1.35 16.94 2.01
CA MET A 426 -1.85 17.79 0.96
C MET A 426 -2.87 17.19 -0.01
N LEU A 427 -2.78 15.90 -0.29
CA LEU A 427 -3.66 15.28 -1.28
C LEU A 427 -5.18 15.19 -1.12
N GLN A 428 -5.62 14.77 0.07
CA GLN A 428 -7.04 14.57 0.37
C GLN A 428 -8.03 15.58 -0.12
N GLY A 429 -7.73 16.86 0.03
CA GLY A 429 -8.65 17.87 -0.44
C GLY A 429 -8.76 17.90 -1.95
N PHE A 430 -7.64 18.00 -2.64
CA PHE A 430 -7.68 18.05 -4.09
C PHE A 430 -8.31 16.78 -4.61
N ALA A 431 -8.25 15.71 -3.84
CA ALA A 431 -8.85 14.45 -4.25
C ALA A 431 -10.36 14.62 -4.26
N VAL A 432 -10.87 15.35 -3.27
CA VAL A 432 -12.30 15.64 -3.14
C VAL A 432 -12.69 16.50 -4.34
N ALA A 433 -11.91 17.53 -4.65
CA ALA A 433 -12.22 18.40 -5.77
C ALA A 433 -12.13 17.61 -7.05
N VAL A 434 -11.08 16.80 -7.15
CA VAL A 434 -10.89 16.01 -8.34
C VAL A 434 -12.04 15.06 -8.48
N LYS A 435 -12.60 14.61 -7.36
CA LYS A 435 -13.72 13.69 -7.40
C LYS A 435 -15.04 14.37 -7.78
N MET A 436 -15.22 15.62 -7.34
CA MET A 436 -16.41 16.42 -7.65
C MET A 436 -16.50 16.84 -9.14
N GLY A 437 -15.35 16.83 -9.82
CA GLY A 437 -15.33 17.19 -11.24
C GLY A 437 -14.65 18.49 -11.58
N ALA A 438 -13.84 18.99 -10.65
CA ALA A 438 -13.12 20.23 -10.79
C ALA A 438 -12.37 20.38 -12.09
N THR A 439 -12.34 21.62 -12.56
CA THR A 439 -11.66 22.02 -13.77
C THR A 439 -10.57 22.92 -13.28
N LYS A 440 -9.67 23.27 -14.19
CA LYS A 440 -8.56 24.14 -13.85
C LYS A 440 -9.07 25.49 -13.39
N ALA A 441 -10.15 25.96 -13.99
CA ALA A 441 -10.70 27.25 -13.60
C ALA A 441 -11.04 27.31 -12.10
N ASP A 442 -11.65 26.25 -11.60
CA ASP A 442 -12.03 26.13 -10.22
C ASP A 442 -10.83 26.22 -9.32
N PHE A 443 -9.74 25.59 -9.74
CA PHE A 443 -8.51 25.61 -8.96
C PHE A 443 -7.94 27.01 -8.93
N ASP A 444 -7.97 27.67 -10.09
CA ASP A 444 -7.42 29.01 -10.18
C ASP A 444 -8.32 30.08 -9.54
N ASN A 445 -9.54 29.70 -9.19
CA ASN A 445 -10.47 30.64 -8.57
C ASN A 445 -10.59 30.41 -7.09
N THR A 446 -9.54 29.86 -6.52
CA THR A 446 -9.42 29.56 -5.09
C THR A 446 -8.24 30.39 -4.58
N VAL A 447 -8.52 31.27 -3.61
CA VAL A 447 -7.47 32.11 -3.01
C VAL A 447 -6.44 31.17 -2.35
N ALA A 448 -5.16 31.48 -2.56
CA ALA A 448 -4.09 30.63 -2.06
C ALA A 448 -3.70 30.84 -0.61
N ILE A 449 -2.99 29.86 -0.06
CA ILE A 449 -2.49 29.91 1.31
C ILE A 449 -0.98 30.06 1.21
N HIS A 450 -0.49 31.25 1.56
CA HIS A 450 0.93 31.62 1.50
C HIS A 450 1.46 31.84 2.92
N PRO A 451 2.61 31.25 3.22
CA PRO A 451 3.40 30.42 2.32
C PRO A 451 3.21 28.91 2.53
N THR A 452 2.97 28.17 1.46
CA THR A 452 2.80 26.71 1.55
C THR A 452 3.18 26.06 0.23
N SER A 453 3.43 24.76 0.23
CA SER A 453 3.75 24.04 -1.00
C SER A 453 2.46 23.80 -1.75
N SER A 454 1.36 23.66 -1.02
CA SER A 454 0.07 23.39 -1.61
C SER A 454 -0.47 24.54 -2.43
N GLU A 455 0.03 25.73 -2.16
CA GLU A 455 -0.45 26.91 -2.89
C GLU A 455 -0.05 26.85 -4.35
N GLU A 456 1.05 26.14 -4.64
CA GLU A 456 1.56 25.97 -6.01
C GLU A 456 0.64 25.20 -6.94
N LEU A 457 -0.29 24.46 -6.37
CA LEU A 457 -1.25 23.70 -7.17
C LEU A 457 -2.37 24.60 -7.69
N VAL A 458 -2.77 25.61 -6.92
CA VAL A 458 -3.84 26.51 -7.36
C VAL A 458 -3.33 27.73 -8.14
N THR A 459 -2.02 27.79 -8.42
CA THR A 459 -1.44 28.88 -9.21
C THR A 459 -0.59 28.37 -10.38
N LEU A 460 -0.88 27.17 -10.89
CA LEU A 460 -0.12 26.64 -12.02
C LEU A 460 -0.41 27.47 -13.27
N ARG A 461 0.55 27.51 -14.18
CA ARG A 461 0.41 28.27 -15.43
C ARG A 461 1.38 27.83 -16.52
PA FAD B . -6.74 -7.82 5.31
O1A FAD B . -5.44 -8.28 4.86
O2A FAD B . -6.71 -6.67 6.24
O5B FAD B . -7.38 -8.93 6.21
C5B FAD B . -7.72 -10.28 6.12
C4B FAD B . -7.91 -10.84 7.55
O4B FAD B . -8.65 -12.03 7.49
C3B FAD B . -6.71 -11.15 8.41
O3B FAD B . -6.75 -10.98 9.83
C2B FAD B . -6.60 -12.59 8.02
O2B FAD B . -5.87 -13.29 9.00
C1B FAD B . -7.99 -13.11 8.09
N9A FAD B . -8.24 -14.44 7.41
C8A FAD B . -7.73 -14.93 6.23
N7A FAD B . -8.24 -16.06 5.84
C5A FAD B . -9.12 -16.40 6.86
C6A FAD B . -9.93 -17.51 7.03
N6A FAD B . -10.04 -18.45 6.13
N1A FAD B . -10.72 -17.51 8.12
C2A FAD B . -10.66 -16.54 9.05
N3A FAD B . -9.92 -15.43 8.96
C4A FAD B . -9.15 -15.42 7.83
N1 FAD B . -2.97 0.16 2.79
C2 FAD B . -3.18 1.52 3.05
O2 FAD B . -2.51 1.72 1.96
N3 FAD B . -2.24 2.31 3.65
C4 FAD B . -0.92 2.11 3.88
O4 FAD B . -0.09 2.83 4.32
C4X FAD B . -0.52 0.68 3.52
N5 FAD B . 0.65 0.17 3.70
C5X FAD B . 0.96 -1.18 3.55
C6 FAD B . 2.26 -1.60 3.87
C7 FAD B . 2.61 -2.98 3.85
C7M FAD B . 3.51 -3.20 4.10
C8 FAD B . 1.60 -3.90 3.43
C8M FAD B . 1.71 -4.86 3.37
C9 FAD B . 0.33 -3.48 3.05
C9A FAD B . -0.07 -2.12 3.14
N10 FAD B . -1.34 -1.51 2.85
C10 FAD B . -1.68 -0.23 3.06
C1' FAD B . -2.42 -2.29 2.22
C2' FAD B . -3.40 -2.61 3.26
O2' FAD B . -2.67 -3.19 4.29
C3' FAD B . -4.34 -3.65 2.63
O3' FAD B . -4.62 -3.32 1.28
C4' FAD B . -5.55 -3.87 3.52
O4' FAD B . -4.93 -4.33 4.65
C5' FAD B . -6.48 -4.88 2.90
O5' FAD B . -7.77 -5.12 3.43
P FAD B . -8.53 -6.52 3.33
O1P FAD B . -9.75 -6.40 4.16
O2P FAD B . -8.74 -7.09 1.96
O3P FAD B . -7.51 -7.45 4.03
N1 TS2 C . -6.32 9.42 10.63
CA1 TS2 C . -5.42 9.96 11.69
C1 TS2 C . -3.98 9.46 11.54
OE1 TS2 C . -3.69 8.79 10.52
OE2 TS2 C . -3.11 9.79 12.40
CB1 TS2 C . -5.99 9.59 13.05
CG1 TS2 C . -5.55 8.25 13.60
CD1 TS2 C . -6.00 7.03 12.77
O1 TS2 C . -5.99 7.01 11.54
N2 TS2 C . -6.41 6.01 13.50
CA2 TS2 C . -6.84 4.76 12.90
C2 TS2 C . -7.81 4.11 13.90
O2 TS2 C . -8.91 3.64 13.52
CB2 TS2 C . -5.61 3.88 12.75
SG2 TS2 C . -5.90 2.12 13.06
N3 TS2 C . -7.37 4.12 15.17
CA3 TS2 C . -8.07 3.57 16.34
C3 TS2 C . -9.50 3.15 16.19
O3 TS2 C . -9.81 1.95 16.09
N4 TS2 C . -10.12 0.52 9.38
CA4 TS2 C . -11.24 -0.28 8.94
C4 TS2 C . -12.51 -0.46 9.80
O4 TS2 C . -12.85 -1.59 10.10
C5 TS2 C . -8.84 0.23 9.16
O5 TS2 C . -8.45 -0.80 8.56
CA5 TS2 C . -7.79 1.21 9.70
N5 TS2 C . -8.31 2.45 10.34
CB5 TS2 C . -6.92 0.42 10.68
SG5 TS2 C . -5.42 1.26 11.27
CA6 TS2 C . -11.56 5.83 9.97
C6 TS2 C . -12.37 4.53 9.75
OE6 TS2 C . -13.63 4.65 9.87
OE7 TS2 C . -11.82 3.42 9.49
N6 TS2 C . -11.75 6.40 11.36
CB6 TS2 C . -10.06 5.68 9.62
CG6 TS2 C . -9.28 4.68 10.48
CD6 TS2 C . -8.83 3.47 9.65
O6 TS2 C . -8.95 3.46 8.42
N1' TS2 C . -13.14 0.67 10.17
C1' TS2 C . -14.37 0.82 10.98
C2' TS2 C . -14.83 2.31 11.29
N2' TS2 C . -13.56 2.85 13.61
C3' TS2 C . -13.84 3.11 12.19
C4' TS2 C . -14.29 3.92 14.31
C5' TS2 C . -13.51 5.22 14.67
C6' TS2 C . -12.69 5.12 15.99
C7' TS2 C . -11.84 3.86 16.01
N3' TS2 C . -10.40 4.12 16.15
#